data_8VWR
#
_entry.id   8VWR
#
_cell.length_a   95.280
_cell.length_b   95.280
_cell.length_c   98.590
_cell.angle_alpha   90.00
_cell.angle_beta   90.00
_cell.angle_gamma   120.00
#
_symmetry.space_group_name_H-M   'P 32 2 1'
#
loop_
_entity.id
_entity.type
_entity.pdbx_description
1 polymer 'Acyl dehydratase'
2 non-polymer 'TRIETHYLENE GLYCOL'
3 non-polymer DI(HYDROXYETHYL)ETHER
4 non-polymer 'CHLORIDE ION'
5 non-polymer 'TETRAETHYLENE GLYCOL'
6 water water
#
_entity_poly.entity_id   1
_entity_poly.type   'polypeptide(L)'
_entity_poly.pdbx_seq_one_letter_code
;KRRISVKDIEAMKSLVSEEYSPWSNEFTVSQEVIDEFARLSGDDYWIHTDPVQAREKSPFGTTIAHGALVQVLASQLRIP
LDYEVVDFNNMVNYGSDRLRFPTPVPSGCKIRARARIKAVEQVRSGVQATMELNIHVVGQDRPAVINDLVILYM
;
_entity_poly.pdbx_strand_id   A,B
#
loop_
_chem_comp.id
_chem_comp.type
_chem_comp.name
_chem_comp.formula
CL non-polymer 'CHLORIDE ION' 'Cl -1'
PEG non-polymer DI(HYDROXYETHYL)ETHER 'C4 H10 O3'
PG4 non-polymer 'TETRAETHYLENE GLYCOL' 'C8 H18 O5'
PGE non-polymer 'TRIETHYLENE GLYCOL' 'C6 H14 O4'
#
# COMPACT_ATOMS: atom_id res chain seq x y z
N LYS A 1 23.70 8.79 17.97
CA LYS A 1 23.03 9.42 16.84
C LYS A 1 22.63 10.86 17.13
N ARG A 2 22.73 11.70 16.10
CA ARG A 2 22.17 13.04 16.15
C ARG A 2 20.70 12.99 16.53
N ARG A 3 20.30 13.89 17.43
CA ARG A 3 18.94 13.91 17.96
C ARG A 3 18.24 15.17 17.47
N ILE A 4 17.08 15.00 16.84
CA ILE A 4 16.30 16.10 16.28
C ILE A 4 14.94 16.12 16.96
N SER A 5 14.58 17.24 17.54
CA SER A 5 13.29 17.39 18.22
C SER A 5 12.23 17.79 17.21
N VAL A 6 11.06 17.14 17.28
CA VAL A 6 9.93 17.55 16.45
C VAL A 6 9.47 18.95 16.82
N LYS A 7 9.85 19.44 18.01
CA LYS A 7 9.52 20.80 18.42
C LYS A 7 10.39 21.84 17.72
N ASP A 8 11.58 21.44 17.25
CA ASP A 8 12.48 22.35 16.52
C ASP A 8 12.17 22.20 15.04
N ILE A 9 11.13 22.92 14.59
CA ILE A 9 10.65 22.78 13.22
C ILE A 9 11.79 22.91 12.22
N GLU A 10 12.54 24.02 12.31
CA GLU A 10 13.58 24.27 11.33
C GLU A 10 14.64 23.17 11.32
N ALA A 11 14.80 22.45 12.43
CA ALA A 11 15.72 21.31 12.45
C ALA A 11 15.11 20.12 11.70
N MET A 12 13.85 19.81 11.98
CA MET A 12 13.15 18.79 11.22
C MET A 12 13.27 19.03 9.72
N LYS A 13 13.15 20.30 9.31
CA LYS A 13 13.20 20.62 7.89
C LYS A 13 14.59 20.43 7.32
N SER A 14 15.63 20.54 8.15
CA SER A 14 16.99 20.33 7.66
C SER A 14 17.21 18.89 7.21
N LEU A 15 16.43 17.94 7.74
CA LEU A 15 16.56 16.55 7.34
C LEU A 15 16.17 16.32 5.89
N VAL A 16 15.43 17.25 5.29
CA VAL A 16 15.09 17.13 3.87
C VAL A 16 16.39 17.08 3.08
N SER A 17 16.59 15.97 2.35
CA SER A 17 17.83 15.74 1.64
C SER A 17 17.56 14.91 0.40
N GLU A 18 18.35 15.14 -0.64
CA GLU A 18 18.20 14.39 -1.88
C GLU A 18 19.06 13.13 -1.91
N GLU A 19 20.05 13.02 -1.04
CA GLU A 19 20.86 11.81 -0.97
C GLU A 19 20.15 10.76 -0.13
N TYR A 20 20.25 9.51 -0.56
CA TYR A 20 19.58 8.40 0.12
C TYR A 20 20.47 7.81 1.21
N SER A 21 19.82 7.10 2.12
CA SER A 21 20.53 6.35 3.15
C SER A 21 21.40 5.27 2.53
N PRO A 22 22.30 4.66 3.29
CA PRO A 22 22.90 3.39 2.86
C PRO A 22 21.82 2.34 2.64
N TRP A 23 22.21 1.24 1.99
CA TRP A 23 21.27 0.16 1.75
C TRP A 23 20.92 -0.55 3.06
N SER A 24 19.76 -1.19 3.06
CA SER A 24 19.32 -2.02 4.17
C SER A 24 19.83 -3.45 3.97
N ASN A 25 19.52 -4.32 4.94
CA ASN A 25 19.69 -5.75 4.76
C ASN A 25 18.85 -6.23 3.58
N GLU A 26 19.05 -7.50 3.20
CA GLU A 26 18.45 -8.08 2.02
C GLU A 26 17.48 -9.19 2.41
N PHE A 27 16.39 -9.32 1.65
CA PHE A 27 15.34 -10.28 1.93
C PHE A 27 14.98 -11.00 0.65
N THR A 28 14.93 -12.33 0.71
CA THR A 28 14.59 -13.14 -0.46
C THR A 28 13.08 -13.21 -0.63
N VAL A 29 12.59 -12.83 -1.80
CA VAL A 29 11.16 -12.89 -2.12
C VAL A 29 10.94 -14.21 -2.88
N SER A 30 10.74 -15.28 -2.11
CA SER A 30 10.62 -16.61 -2.68
C SER A 30 9.24 -16.83 -3.27
N GLN A 31 9.13 -17.87 -4.10
CA GLN A 31 7.82 -18.28 -4.60
C GLN A 31 6.88 -18.63 -3.45
N GLU A 32 7.42 -19.21 -2.38
CA GLU A 32 6.59 -19.56 -1.23
C GLU A 32 6.00 -18.32 -0.58
N VAL A 33 6.79 -17.24 -0.50
CA VAL A 33 6.28 -15.97 0.02
C VAL A 33 5.17 -15.43 -0.88
N ILE A 34 5.40 -15.47 -2.19
CA ILE A 34 4.43 -14.96 -3.16
C ILE A 34 3.13 -15.75 -3.05
N ASP A 35 3.22 -17.08 -2.97
CA ASP A 35 2.02 -17.90 -2.91
C ASP A 35 1.23 -17.62 -1.64
N GLU A 36 1.92 -17.46 -0.51
CA GLU A 36 1.23 -17.17 0.74
C GLU A 36 0.51 -15.82 0.68
N PHE A 37 1.18 -14.80 0.13
CA PHE A 37 0.53 -13.51 -0.02
C PHE A 37 -0.67 -13.60 -0.95
N ALA A 38 -0.60 -14.46 -1.97
CA ALA A 38 -1.72 -14.59 -2.90
C ALA A 38 -2.96 -15.12 -2.19
N ARG A 39 -2.78 -16.10 -1.30
CA ARG A 39 -3.91 -16.67 -0.58
C ARG A 39 -4.40 -15.72 0.52
N LEU A 40 -3.48 -15.06 1.22
CA LEU A 40 -3.87 -14.12 2.27
C LEU A 40 -4.65 -12.95 1.69
N SER A 41 -4.15 -12.39 0.57
CA SER A 41 -4.79 -11.21 0.00
C SER A 41 -5.97 -11.56 -0.88
N GLY A 42 -5.98 -12.75 -1.48
CA GLY A 42 -6.97 -13.09 -2.48
C GLY A 42 -6.55 -12.85 -3.91
N ASP A 43 -5.40 -12.21 -4.13
CA ASP A 43 -4.91 -11.89 -5.47
C ASP A 43 -4.04 -13.04 -5.93
N ASP A 44 -4.61 -13.95 -6.73
CA ASP A 44 -3.90 -15.13 -7.22
C ASP A 44 -3.67 -15.06 -8.73
N TYR A 45 -3.54 -13.85 -9.27
CA TYR A 45 -3.19 -13.65 -10.68
C TYR A 45 -2.01 -14.54 -11.07
N TRP A 46 -2.13 -15.18 -12.24
CA TRP A 46 -1.19 -16.22 -12.62
C TRP A 46 0.23 -15.71 -12.86
N ILE A 47 0.41 -14.42 -13.18
CA ILE A 47 1.77 -13.92 -13.37
C ILE A 47 2.55 -13.98 -12.06
N HIS A 48 1.86 -14.13 -10.92
CA HIS A 48 2.52 -14.28 -9.63
C HIS A 48 2.61 -15.72 -9.17
N THR A 49 1.62 -16.56 -9.52
CA THR A 49 1.43 -17.84 -8.86
C THR A 49 1.63 -19.07 -9.74
N ASP A 50 1.86 -18.90 -11.05
CA ASP A 50 1.96 -20.03 -11.97
C ASP A 50 3.33 -20.03 -12.65
N PRO A 51 4.33 -20.66 -12.04
CA PRO A 51 5.65 -20.70 -12.70
C PRO A 51 5.64 -21.36 -14.07
N VAL A 52 4.96 -22.51 -14.21
CA VAL A 52 5.00 -23.24 -15.48
C VAL A 52 4.46 -22.37 -16.61
N GLN A 53 3.33 -21.70 -16.37
CA GLN A 53 2.73 -20.88 -17.42
C GLN A 53 3.54 -19.61 -17.67
N ALA A 54 4.07 -18.99 -16.60
CA ALA A 54 4.77 -17.72 -16.76
C ALA A 54 6.07 -17.89 -17.53
N ARG A 55 6.76 -19.02 -17.36
CA ARG A 55 7.94 -19.28 -18.16
C ARG A 55 7.61 -19.22 -19.64
N GLU A 56 6.47 -19.77 -20.03
CA GLU A 56 6.12 -19.89 -21.44
C GLU A 56 5.47 -18.63 -21.99
N LYS A 57 4.75 -17.87 -21.17
CA LYS A 57 3.88 -16.82 -21.65
C LYS A 57 4.15 -15.44 -21.06
N SER A 58 4.81 -15.34 -19.91
CA SER A 58 4.88 -14.03 -19.26
C SER A 58 5.93 -13.14 -19.94
N PRO A 59 5.67 -11.84 -20.06
CA PRO A 59 6.70 -10.94 -20.61
C PRO A 59 7.99 -10.95 -19.82
N PHE A 60 7.97 -11.44 -18.57
CA PHE A 60 9.13 -11.36 -17.68
C PHE A 60 9.93 -12.67 -17.63
N GLY A 61 9.43 -13.74 -18.25
CA GLY A 61 10.14 -15.01 -18.26
C GLY A 61 9.97 -15.87 -17.03
N THR A 62 9.33 -15.35 -15.98
CA THR A 62 9.12 -16.09 -14.75
C THR A 62 7.99 -15.39 -13.99
N THR A 63 7.59 -16.00 -12.86
CA THR A 63 6.64 -15.32 -12.00
C THR A 63 7.32 -14.12 -11.34
N ILE A 64 6.49 -13.14 -10.94
CA ILE A 64 6.96 -11.94 -10.27
C ILE A 64 6.10 -11.72 -9.03
N ALA A 65 6.65 -10.96 -8.09
CA ALA A 65 5.95 -10.68 -6.85
C ALA A 65 4.88 -9.60 -7.05
N HIS A 66 3.81 -9.72 -6.28
CA HIS A 66 2.81 -8.66 -6.26
C HIS A 66 3.47 -7.35 -5.86
N GLY A 67 3.08 -6.26 -6.55
CA GLY A 67 3.57 -4.95 -6.14
C GLY A 67 3.29 -4.65 -4.68
N ALA A 68 2.09 -4.95 -4.21
CA ALA A 68 1.75 -4.65 -2.82
C ALA A 68 2.48 -5.57 -1.86
N LEU A 69 2.88 -6.77 -2.31
CA LEU A 69 3.69 -7.63 -1.47
C LEU A 69 5.06 -7.03 -1.21
N VAL A 70 5.73 -6.57 -2.27
CA VAL A 70 7.03 -5.91 -2.10
C VAL A 70 6.88 -4.70 -1.18
N GLN A 71 5.80 -3.93 -1.36
CA GLN A 71 5.55 -2.78 -0.51
C GLN A 71 5.56 -3.15 0.97
N VAL A 72 4.79 -4.18 1.35
CA VAL A 72 4.66 -4.48 2.76
C VAL A 72 5.88 -5.21 3.32
N LEU A 73 6.67 -5.87 2.47
CA LEU A 73 7.92 -6.48 2.91
C LEU A 73 8.97 -5.44 3.30
N ALA A 74 8.65 -4.15 3.20
CA ALA A 74 9.58 -3.14 3.70
C ALA A 74 9.85 -3.32 5.19
N SER A 75 8.89 -3.89 5.93
CA SER A 75 9.06 -4.11 7.36
C SER A 75 10.04 -5.23 7.68
N GLN A 76 10.58 -5.91 6.66
CA GLN A 76 11.69 -6.83 6.83
C GLN A 76 13.04 -6.13 6.72
N LEU A 77 13.06 -4.86 6.31
CA LEU A 77 14.27 -4.17 5.89
C LEU A 77 14.55 -3.03 6.86
N ARG A 78 15.72 -3.08 7.50
CA ARG A 78 16.14 -2.06 8.46
C ARG A 78 17.01 -1.04 7.72
N ILE A 79 16.47 0.15 7.51
CA ILE A 79 17.20 1.23 6.83
C ILE A 79 18.10 1.92 7.85
N PRO A 80 19.42 1.90 7.66
CA PRO A 80 20.30 2.58 8.63
C PRO A 80 20.27 4.09 8.45
N LEU A 81 19.78 4.79 9.48
CA LEU A 81 19.79 6.24 9.52
C LEU A 81 20.77 6.71 10.59
N ASP A 82 21.37 7.87 10.35
CA ASP A 82 22.35 8.44 11.27
C ASP A 82 21.74 9.47 12.21
N TYR A 83 20.42 9.47 12.36
CA TYR A 83 19.74 10.45 13.20
C TYR A 83 18.55 9.78 13.88
N GLU A 84 17.89 10.55 14.75
CA GLU A 84 16.84 10.01 15.60
C GLU A 84 15.90 11.14 15.98
N VAL A 85 14.62 11.00 15.66
CA VAL A 85 13.61 12.00 15.99
C VAL A 85 13.11 11.73 17.39
N VAL A 86 12.96 12.78 18.20
CA VAL A 86 12.59 12.67 19.60
C VAL A 86 11.63 13.80 19.94
N ASP A 87 11.17 13.80 21.20
CA ASP A 87 10.30 14.82 21.77
C ASP A 87 8.90 14.82 21.17
N PHE A 88 8.47 13.70 20.62
CA PHE A 88 7.08 13.52 20.21
C PHE A 88 6.37 12.64 21.24
N ASN A 89 5.07 12.88 21.40
CA ASN A 89 4.26 12.01 22.25
C ASN A 89 3.92 10.70 21.57
N ASN A 90 3.91 10.67 20.24
CA ASN A 90 3.46 9.49 19.51
C ASN A 90 3.87 9.62 18.06
N MET A 91 4.05 8.47 17.41
CA MET A 91 4.49 8.38 16.03
C MET A 91 3.54 7.46 15.29
N VAL A 92 3.14 7.85 14.09
CA VAL A 92 2.02 7.22 13.39
C VAL A 92 2.37 7.03 11.92
N ASN A 93 2.11 5.82 11.42
CA ASN A 93 2.15 5.55 9.99
C ASN A 93 0.85 6.08 9.39
N TYR A 94 0.92 7.25 8.75
CA TYR A 94 -0.25 7.98 8.29
C TYR A 94 -0.69 7.57 6.88
N GLY A 95 0.11 6.75 6.19
CA GLY A 95 -0.22 6.29 4.85
C GLY A 95 0.90 6.65 3.87
N SER A 96 0.49 7.06 2.67
CA SER A 96 1.43 7.37 1.60
C SER A 96 0.83 8.41 0.68
N ASP A 97 1.71 9.24 0.10
CA ASP A 97 1.31 10.22 -0.90
C ASP A 97 1.69 9.79 -2.32
N ARG A 98 2.33 8.63 -2.47
CA ARG A 98 2.64 8.11 -3.80
C ARG A 98 3.12 6.66 -3.72
N LEU A 99 2.52 5.80 -4.54
CA LEU A 99 2.88 4.40 -4.62
C LEU A 99 3.04 4.06 -6.10
N ARG A 100 4.22 3.56 -6.48
CA ARG A 100 4.50 3.21 -7.86
C ARG A 100 5.25 1.88 -7.89
N PHE A 101 5.05 1.14 -8.98
CA PHE A 101 5.68 -0.17 -9.18
C PHE A 101 6.41 -0.16 -10.52
N PRO A 102 7.55 0.52 -10.60
CA PRO A 102 8.18 0.74 -11.91
C PRO A 102 8.71 -0.53 -12.56
N THR A 103 9.30 -1.44 -11.79
CA THR A 103 9.87 -2.67 -12.33
C THR A 103 9.52 -3.84 -11.43
N PRO A 104 9.42 -5.04 -11.99
CA PRO A 104 8.99 -6.19 -11.19
C PRO A 104 10.13 -6.84 -10.43
N VAL A 105 9.75 -7.54 -9.37
CA VAL A 105 10.67 -8.35 -8.57
C VAL A 105 10.50 -9.80 -9.02
N PRO A 106 11.44 -10.37 -9.79
CA PRO A 106 11.29 -11.78 -10.19
C PRO A 106 11.29 -12.70 -8.98
N SER A 107 10.49 -13.76 -9.07
CA SER A 107 10.46 -14.78 -8.04
C SER A 107 11.88 -15.25 -7.72
N GLY A 108 12.20 -15.30 -6.43
CA GLY A 108 13.49 -15.79 -5.98
C GLY A 108 14.56 -14.74 -5.83
N CYS A 109 14.32 -13.51 -6.26
CA CYS A 109 15.31 -12.45 -6.11
C CYS A 109 15.24 -11.84 -4.71
N LYS A 110 16.34 -11.21 -4.32
CA LYS A 110 16.41 -10.48 -3.06
C LYS A 110 16.07 -9.02 -3.29
N ILE A 111 15.52 -8.39 -2.26
CA ILE A 111 15.22 -6.96 -2.30
C ILE A 111 15.97 -6.27 -1.17
N ARG A 112 16.23 -4.98 -1.37
CA ARG A 112 16.76 -4.10 -0.34
C ARG A 112 16.21 -2.71 -0.60
N ALA A 113 16.39 -1.82 0.38
CA ALA A 113 15.76 -0.51 0.32
C ALA A 113 16.67 0.56 0.91
N ARG A 114 16.42 1.80 0.45
CA ARG A 114 17.05 2.99 1.00
C ARG A 114 16.00 4.10 1.00
N ALA A 115 16.28 5.18 1.73
CA ALA A 115 15.26 6.20 1.95
C ALA A 115 15.89 7.56 2.14
N ARG A 116 15.04 8.59 2.06
CA ARG A 116 15.41 9.97 2.34
C ARG A 116 14.15 10.74 2.70
N ILE A 117 14.32 11.80 3.47
CA ILE A 117 13.20 12.67 3.82
C ILE A 117 12.93 13.59 2.64
N LYS A 118 11.73 13.49 2.08
CA LYS A 118 11.34 14.23 0.89
C LYS A 118 10.63 15.54 1.19
N ALA A 119 10.05 15.68 2.38
CA ALA A 119 9.33 16.89 2.74
C ALA A 119 9.00 16.84 4.22
N VAL A 120 8.77 18.03 4.79
CA VAL A 120 8.40 18.18 6.20
C VAL A 120 7.40 19.34 6.28
N GLU A 121 6.24 19.08 6.89
CA GLU A 121 5.21 20.10 7.01
C GLU A 121 4.59 20.04 8.39
N GLN A 122 4.29 21.21 8.94
CA GLN A 122 3.55 21.31 10.19
C GLN A 122 2.06 21.27 9.87
N VAL A 123 1.35 20.30 10.45
CA VAL A 123 -0.09 20.18 10.26
C VAL A 123 -0.76 20.48 11.58
N ARG A 124 -2.10 20.46 11.58
CA ARG A 124 -2.86 20.75 12.80
C ARG A 124 -2.51 19.79 13.92
N SER A 125 -2.32 18.51 13.60
CA SER A 125 -2.10 17.49 14.61
C SER A 125 -0.62 17.26 14.93
N GLY A 126 0.29 17.98 14.30
CA GLY A 126 1.71 17.79 14.59
C GLY A 126 2.63 18.10 13.43
N VAL A 127 3.53 17.17 13.12
CA VAL A 127 4.52 17.34 12.07
C VAL A 127 4.44 16.14 11.12
N GLN A 128 4.11 16.41 9.86
CA GLN A 128 4.07 15.38 8.83
C GLN A 128 5.41 15.33 8.12
N ALA A 129 6.07 14.19 8.19
CA ALA A 129 7.34 13.96 7.50
C ALA A 129 7.13 12.92 6.41
N THR A 130 7.46 13.28 5.17
CA THR A 130 7.31 12.39 4.03
C THR A 130 8.67 11.77 3.71
N MET A 131 8.77 10.45 3.89
CA MET A 131 9.99 9.70 3.63
C MET A 131 9.83 8.93 2.32
N GLU A 132 10.63 9.27 1.32
CA GLU A 132 10.62 8.54 0.07
C GLU A 132 11.40 7.23 0.25
N LEU A 133 10.70 6.12 0.12
CA LEU A 133 11.28 4.79 0.28
C LEU A 133 11.37 4.14 -1.09
N ASN A 134 12.57 3.68 -1.45
CA ASN A 134 12.81 2.97 -2.70
C ASN A 134 13.23 1.54 -2.38
N ILE A 135 12.45 0.58 -2.86
CA ILE A 135 12.76 -0.84 -2.72
C ILE A 135 13.24 -1.35 -4.07
N HIS A 136 14.44 -1.95 -4.08
CA HIS A 136 15.07 -2.42 -5.30
C HIS A 136 15.30 -3.92 -5.24
N VAL A 137 15.22 -4.57 -6.41
CA VAL A 137 15.90 -5.84 -6.58
C VAL A 137 17.39 -5.61 -6.36
N VAL A 138 18.03 -6.49 -5.59
CA VAL A 138 19.47 -6.32 -5.34
C VAL A 138 20.21 -6.36 -6.67
N GLY A 139 21.03 -5.34 -6.91
CA GLY A 139 21.77 -5.23 -8.15
C GLY A 139 21.04 -4.54 -9.27
N GLN A 140 19.86 -3.99 -9.01
CA GLN A 140 19.06 -3.26 -9.99
C GLN A 140 18.99 -1.80 -9.59
N ASP A 141 19.49 -0.92 -10.47
CA ASP A 141 19.49 0.51 -10.16
C ASP A 141 18.11 1.14 -10.24
N ARG A 142 17.19 0.53 -10.96
CA ARG A 142 15.84 1.10 -11.03
C ARG A 142 14.97 0.53 -9.92
N PRO A 143 14.21 1.34 -9.19
CA PRO A 143 13.40 0.80 -8.11
C PRO A 143 12.30 -0.11 -8.63
N ALA A 144 11.95 -1.09 -7.79
CA ALA A 144 10.79 -1.93 -8.05
C ALA A 144 9.53 -1.38 -7.38
N VAL A 145 9.69 -0.65 -6.28
CA VAL A 145 8.58 -0.05 -5.55
C VAL A 145 9.02 1.30 -5.01
N ILE A 146 8.24 2.34 -5.31
CA ILE A 146 8.44 3.67 -4.74
C ILE A 146 7.26 3.93 -3.80
N ASN A 147 7.56 4.44 -2.61
CA ASN A 147 6.55 4.67 -1.58
C ASN A 147 6.89 5.95 -0.84
N ASP A 148 6.13 7.01 -1.10
CA ASP A 148 6.27 8.28 -0.39
C ASP A 148 5.51 8.17 0.93
N LEU A 149 6.14 7.52 1.90
CA LEU A 149 5.50 7.26 3.19
C LEU A 149 5.33 8.55 3.98
N VAL A 150 4.17 8.70 4.61
CA VAL A 150 3.85 9.87 5.41
C VAL A 150 3.89 9.44 6.87
N ILE A 151 4.79 10.03 7.64
CA ILE A 151 4.91 9.80 9.07
C ILE A 151 4.35 11.03 9.78
N LEU A 152 3.46 10.80 10.75
CA LEU A 152 2.87 11.87 11.54
C LEU A 152 3.44 11.79 12.96
N TYR A 153 4.09 12.86 13.38
CA TYR A 153 4.57 13.01 14.75
C TYR A 153 3.58 13.85 15.53
N MET A 154 3.20 13.37 16.72
CA MET A 154 2.21 14.06 17.54
C MET A 154 2.77 14.33 18.93
N LYS B 1 -25.12 -4.83 -17.65
CA LYS B 1 -23.99 -3.99 -17.28
C LYS B 1 -23.49 -3.21 -18.50
N ARG B 2 -23.47 -1.89 -18.38
CA ARG B 2 -23.07 -1.06 -19.51
C ARG B 2 -21.60 -1.26 -19.85
N ARG B 3 -21.25 -0.95 -21.10
CA ARG B 3 -19.90 -1.07 -21.62
C ARG B 3 -19.40 0.30 -22.03
N ILE B 4 -18.23 0.69 -21.52
CA ILE B 4 -17.60 1.95 -21.86
C ILE B 4 -16.32 1.62 -22.63
N SER B 5 -16.20 2.20 -23.82
CA SER B 5 -15.01 1.99 -24.65
C SER B 5 -13.92 2.94 -24.23
N VAL B 6 -12.73 2.40 -23.98
CA VAL B 6 -11.58 3.22 -23.61
C VAL B 6 -11.17 4.15 -24.75
N LYS B 7 -11.71 3.94 -25.95
CA LYS B 7 -11.47 4.82 -27.09
C LYS B 7 -12.43 6.00 -27.13
N ASP B 8 -13.41 6.05 -26.24
CA ASP B 8 -14.41 7.13 -26.17
C ASP B 8 -14.18 7.87 -24.85
N ILE B 9 -13.36 8.92 -24.90
CA ILE B 9 -12.91 9.55 -23.66
C ILE B 9 -14.05 10.32 -22.99
N GLU B 10 -15.01 10.84 -23.76
CA GLU B 10 -16.15 11.49 -23.13
C GLU B 10 -17.00 10.48 -22.36
N ALA B 11 -17.07 9.24 -22.85
CA ALA B 11 -17.79 8.20 -22.13
C ALA B 11 -16.99 7.71 -20.92
N MET B 12 -15.66 7.67 -21.02
CA MET B 12 -14.84 7.34 -19.86
C MET B 12 -14.93 8.45 -18.81
N LYS B 13 -14.85 9.71 -19.24
CA LYS B 13 -14.94 10.82 -18.30
C LYS B 13 -16.29 10.87 -17.60
N SER B 14 -17.34 10.30 -18.21
CA SER B 14 -18.66 10.32 -17.60
C SER B 14 -18.79 9.33 -16.45
N LEU B 15 -17.77 8.51 -16.22
CA LEU B 15 -17.76 7.63 -15.05
C LEU B 15 -17.40 8.39 -13.77
N VAL B 16 -16.79 9.57 -13.88
CA VAL B 16 -16.43 10.33 -12.70
C VAL B 16 -17.70 10.67 -11.93
N SER B 17 -17.70 10.34 -10.64
CA SER B 17 -18.89 10.47 -9.82
C SER B 17 -18.49 10.80 -8.39
N GLU B 18 -19.32 11.60 -7.74
CA GLU B 18 -19.16 11.85 -6.30
C GLU B 18 -19.77 10.73 -5.46
N GLU B 19 -20.54 9.83 -6.06
CA GLU B 19 -21.22 8.77 -5.33
C GLU B 19 -20.55 7.43 -5.61
N TYR B 20 -20.67 6.54 -4.63
CA TYR B 20 -19.92 5.28 -4.63
C TYR B 20 -20.79 4.15 -5.16
N SER B 21 -20.10 3.07 -5.54
CA SER B 21 -20.75 1.85 -5.97
C SER B 21 -21.48 1.21 -4.81
N PRO B 22 -22.29 0.18 -5.07
CA PRO B 22 -22.81 -0.65 -3.99
C PRO B 22 -21.67 -1.32 -3.22
N TRP B 23 -22.01 -1.87 -2.06
CA TRP B 23 -21.03 -2.49 -1.19
C TRP B 23 -20.61 -3.86 -1.72
N SER B 24 -19.36 -4.22 -1.42
CA SER B 24 -18.84 -5.55 -1.72
C SER B 24 -19.31 -6.56 -0.68
N ASN B 25 -18.90 -7.81 -0.86
CA ASN B 25 -19.06 -8.81 0.19
C ASN B 25 -18.21 -8.43 1.41
N GLU B 26 -18.38 -9.19 2.49
CA GLU B 26 -17.72 -8.93 3.76
C GLU B 26 -16.63 -9.97 4.02
N PHE B 27 -15.63 -9.57 4.81
CA PHE B 27 -14.48 -10.42 5.14
C PHE B 27 -14.08 -10.17 6.59
N THR B 28 -13.81 -11.25 7.31
CA THR B 28 -13.49 -11.16 8.74
C THR B 28 -11.97 -11.01 8.93
N VAL B 29 -11.55 -9.93 9.61
CA VAL B 29 -10.16 -9.69 9.88
C VAL B 29 -9.85 -10.26 11.26
N SER B 30 -9.59 -11.55 11.31
CA SER B 30 -9.37 -12.22 12.58
C SER B 30 -7.96 -11.94 13.12
N GLN B 31 -7.75 -12.27 14.39
CA GLN B 31 -6.43 -12.17 14.97
C GLN B 31 -5.45 -13.09 14.24
N GLU B 32 -5.92 -14.25 13.77
CA GLU B 32 -5.05 -15.16 13.03
C GLU B 32 -4.55 -14.50 11.74
N VAL B 33 -5.46 -13.82 11.03
CA VAL B 33 -5.06 -13.09 9.83
C VAL B 33 -4.04 -12.01 10.18
N ILE B 34 -4.30 -11.27 11.25
CA ILE B 34 -3.38 -10.20 11.66
C ILE B 34 -2.02 -10.78 12.03
N ASP B 35 -2.02 -11.88 12.79
CA ASP B 35 -0.75 -12.49 13.21
C ASP B 35 0.05 -12.95 12.00
N GLU B 36 -0.60 -13.56 11.01
CA GLU B 36 0.12 -14.03 9.83
C GLU B 36 0.72 -12.87 9.06
N PHE B 37 -0.04 -11.79 8.87
CA PHE B 37 0.52 -10.61 8.20
C PHE B 37 1.73 -10.09 8.97
N ALA B 38 1.68 -10.13 10.30
CA ALA B 38 2.83 -9.71 11.09
C ALA B 38 4.06 -10.54 10.77
N ARG B 39 3.89 -11.86 10.66
CA ARG B 39 5.03 -12.72 10.37
C ARG B 39 5.51 -12.53 8.93
N LEU B 40 4.57 -12.43 7.98
CA LEU B 40 4.94 -12.29 6.57
C LEU B 40 5.66 -10.97 6.32
N SER B 41 5.09 -9.87 6.79
CA SER B 41 5.66 -8.55 6.52
C SER B 41 6.83 -8.21 7.43
N GLY B 42 6.91 -8.82 8.62
CA GLY B 42 7.89 -8.46 9.60
C GLY B 42 7.45 -7.37 10.56
N ASP B 43 6.25 -6.83 10.38
CA ASP B 43 5.70 -5.79 11.26
C ASP B 43 4.98 -6.49 12.41
N ASP B 44 5.65 -6.56 13.57
CA ASP B 44 5.13 -7.26 14.73
C ASP B 44 4.80 -6.32 15.89
N TYR B 45 4.43 -5.08 15.57
CA TYR B 45 4.09 -4.09 16.59
C TYR B 45 3.01 -4.64 17.52
N TRP B 46 3.20 -4.43 18.82
CA TRP B 46 2.36 -5.09 19.81
C TRP B 46 0.90 -4.67 19.71
N ILE B 47 0.62 -3.48 19.17
CA ILE B 47 -0.77 -3.06 19.03
C ILE B 47 -1.53 -3.97 18.07
N HIS B 48 -0.81 -4.74 17.24
CA HIS B 48 -1.45 -5.69 16.34
C HIS B 48 -1.41 -7.12 16.86
N THR B 49 -0.35 -7.49 17.58
CA THR B 49 -0.04 -8.89 17.85
C THR B 49 -0.22 -9.32 19.30
N ASP B 50 -0.33 -8.38 20.24
CA ASP B 50 -0.33 -8.70 21.67
C ASP B 50 -1.66 -8.29 22.28
N PRO B 51 -2.65 -9.20 22.31
CA PRO B 51 -3.95 -8.84 22.91
C PRO B 51 -3.85 -8.34 24.35
N VAL B 52 -3.12 -9.04 25.22
CA VAL B 52 -3.11 -8.71 26.63
C VAL B 52 -2.56 -7.30 26.84
N GLN B 53 -1.34 -7.05 26.36
CA GLN B 53 -0.77 -5.71 26.47
C GLN B 53 -1.68 -4.67 25.82
N ALA B 54 -2.37 -5.05 24.74
CA ALA B 54 -3.29 -4.12 24.08
C ALA B 54 -4.49 -3.82 24.95
N ARG B 55 -5.08 -4.85 25.56
CA ARG B 55 -6.24 -4.65 26.43
C ARG B 55 -5.94 -3.59 27.50
N GLU B 56 -4.74 -3.64 28.09
CA GLU B 56 -4.44 -2.78 29.22
C GLU B 56 -3.79 -1.46 28.81
N LYS B 57 -2.93 -1.48 27.78
CA LYS B 57 -2.15 -0.30 27.43
C LYS B 57 -2.47 0.29 26.06
N SER B 58 -3.23 -0.40 25.22
CA SER B 58 -3.46 0.14 23.89
C SER B 58 -4.49 1.26 23.93
N PRO B 59 -4.25 2.39 23.27
CA PRO B 59 -5.30 3.42 23.16
C PRO B 59 -6.61 2.92 22.55
N PHE B 60 -6.66 1.70 22.00
CA PHE B 60 -7.86 1.18 21.40
C PHE B 60 -8.56 0.11 22.25
N GLY B 61 -7.98 -0.28 23.38
CA GLY B 61 -8.55 -1.31 24.21
C GLY B 61 -8.42 -2.72 23.69
N THR B 62 -7.91 -2.90 22.48
CA THR B 62 -7.70 -4.21 21.88
C THR B 62 -6.71 -4.08 20.74
N THR B 63 -6.32 -5.22 20.19
CA THR B 63 -5.45 -5.22 19.02
C THR B 63 -6.22 -4.71 17.80
N ILE B 64 -5.49 -4.11 16.86
CA ILE B 64 -6.07 -3.67 15.60
C ILE B 64 -5.23 -4.22 14.46
N ALA B 65 -5.80 -4.19 13.27
CA ALA B 65 -5.12 -4.67 12.07
C ALA B 65 -4.17 -3.62 11.54
N HIS B 66 -3.08 -4.09 10.93
CA HIS B 66 -2.19 -3.19 10.21
C HIS B 66 -2.96 -2.46 9.12
N GLY B 67 -2.69 -1.17 8.95
CA GLY B 67 -3.34 -0.44 7.87
C GLY B 67 -3.08 -1.08 6.52
N ALA B 68 -1.84 -1.50 6.27
CA ALA B 68 -1.49 -2.11 4.99
C ALA B 68 -2.08 -3.50 4.84
N LEU B 69 -2.36 -4.18 5.95
CA LEU B 69 -3.10 -5.44 5.86
C LEU B 69 -4.50 -5.20 5.32
N VAL B 70 -5.23 -4.26 5.92
CA VAL B 70 -6.57 -3.95 5.40
C VAL B 70 -6.48 -3.53 3.95
N GLN B 71 -5.41 -2.81 3.58
CA GLN B 71 -5.22 -2.40 2.20
C GLN B 71 -5.17 -3.60 1.25
N VAL B 72 -4.27 -4.55 1.52
CA VAL B 72 -4.11 -5.66 0.58
C VAL B 72 -5.30 -6.61 0.61
N LEU B 73 -6.08 -6.61 1.70
CA LEU B 73 -7.28 -7.44 1.76
C LEU B 73 -8.38 -6.94 0.82
N ALA B 74 -8.18 -5.82 0.13
CA ALA B 74 -9.14 -5.41 -0.88
C ALA B 74 -9.36 -6.50 -1.92
N SER B 75 -8.36 -7.34 -2.17
CA SER B 75 -8.50 -8.42 -3.14
C SER B 75 -9.38 -9.56 -2.63
N GLN B 76 -9.88 -9.48 -1.40
CA GLN B 76 -10.93 -10.37 -0.93
C GLN B 76 -12.33 -9.81 -1.18
N LEU B 77 -12.43 -8.55 -1.60
CA LEU B 77 -13.70 -7.83 -1.67
C LEU B 77 -14.06 -7.55 -3.12
N ARG B 78 -15.14 -8.17 -3.60
CA ARG B 78 -15.61 -7.99 -4.97
C ARG B 78 -16.65 -6.88 -5.00
N ILE B 79 -16.30 -5.75 -5.59
CA ILE B 79 -17.20 -4.59 -5.67
C ILE B 79 -18.08 -4.75 -6.90
N PRO B 80 -19.41 -4.85 -6.74
CA PRO B 80 -20.28 -4.90 -7.93
C PRO B 80 -20.36 -3.55 -8.61
N LEU B 81 -19.93 -3.49 -9.86
CA LEU B 81 -20.00 -2.28 -10.67
C LEU B 81 -21.09 -2.44 -11.72
N ASP B 82 -21.80 -1.36 -12.02
CA ASP B 82 -22.85 -1.36 -13.01
C ASP B 82 -22.32 -1.15 -14.43
N TYR B 83 -21.01 -1.19 -14.62
CA TYR B 83 -20.40 -0.93 -15.91
C TYR B 83 -19.21 -1.86 -16.10
N GLU B 84 -18.68 -1.89 -17.32
CA GLU B 84 -17.47 -2.65 -17.61
C GLU B 84 -16.68 -1.90 -18.68
N VAL B 85 -15.40 -1.65 -18.40
CA VAL B 85 -14.52 -1.01 -19.36
C VAL B 85 -13.99 -2.07 -20.32
N VAL B 86 -13.93 -1.74 -21.60
CA VAL B 86 -13.56 -2.69 -22.64
C VAL B 86 -12.75 -1.97 -23.72
N ASP B 87 -12.40 -2.72 -24.77
CA ASP B 87 -11.68 -2.21 -25.93
C ASP B 87 -10.22 -1.89 -25.62
N PHE B 88 -9.63 -2.56 -24.64
CA PHE B 88 -8.22 -2.41 -24.34
C PHE B 88 -7.52 -3.76 -24.46
N ASN B 89 -6.20 -3.70 -24.63
CA ASN B 89 -5.39 -4.90 -24.65
C ASN B 89 -4.83 -5.24 -23.28
N ASN B 90 -4.60 -4.24 -22.44
CA ASN B 90 -3.97 -4.46 -21.14
C ASN B 90 -4.47 -3.45 -20.13
N MET B 91 -4.54 -3.88 -18.88
CA MET B 91 -4.86 -3.02 -17.75
C MET B 91 -3.75 -3.20 -16.71
N VAL B 92 -3.33 -2.08 -16.11
CA VAL B 92 -2.16 -2.07 -15.25
C VAL B 92 -2.52 -1.40 -13.92
N ASN B 93 -2.19 -2.07 -12.82
CA ASN B 93 -2.23 -1.46 -11.49
C ASN B 93 -0.97 -0.60 -11.37
N TYR B 94 -1.09 0.66 -11.80
CA TYR B 94 0.04 1.58 -11.82
C TYR B 94 0.44 2.06 -10.43
N GLY B 95 -0.39 1.82 -9.42
CA GLY B 95 -0.07 2.23 -8.06
C GLY B 95 -1.16 3.03 -7.40
N SER B 96 -0.78 4.04 -6.63
CA SER B 96 -1.75 4.86 -5.89
C SER B 96 -1.24 6.28 -5.78
N ASP B 97 -2.18 7.22 -5.77
CA ASP B 97 -1.88 8.64 -5.56
C ASP B 97 -2.26 9.11 -4.17
N ARG B 98 -2.81 8.23 -3.33
CA ARG B 98 -3.14 8.59 -1.96
C ARG B 98 -3.55 7.34 -1.18
N LEU B 99 -2.91 7.13 -0.02
CA LEU B 99 -3.23 6.04 0.88
C LEU B 99 -3.35 6.62 2.29
N ARG B 100 -4.48 6.38 2.93
CA ARG B 100 -4.72 6.87 4.29
C ARG B 100 -5.37 5.77 5.13
N PHE B 101 -5.16 5.85 6.44
CA PHE B 101 -5.75 4.91 7.41
C PHE B 101 -6.50 5.72 8.46
N PRO B 102 -7.70 6.20 8.14
CA PRO B 102 -8.34 7.16 9.04
C PRO B 102 -8.80 6.57 10.37
N THR B 103 -9.26 5.32 10.37
CA THR B 103 -9.77 4.69 11.57
C THR B 103 -9.30 3.23 11.62
N PRO B 104 -9.23 2.64 12.80
CA PRO B 104 -8.69 1.28 12.93
C PRO B 104 -9.73 0.19 12.75
N VAL B 105 -9.24 -0.99 12.38
CA VAL B 105 -10.05 -2.19 12.28
C VAL B 105 -9.76 -3.04 13.51
N PRO B 106 -10.67 -3.14 14.48
CA PRO B 106 -10.43 -4.04 15.62
C PRO B 106 -10.35 -5.49 15.15
N SER B 107 -9.45 -6.24 15.76
CA SER B 107 -9.32 -7.66 15.45
C SER B 107 -10.67 -8.35 15.64
N GLY B 108 -10.99 -9.24 14.70
CA GLY B 108 -12.26 -9.93 14.73
C GLY B 108 -13.41 -9.21 14.06
N CYS B 109 -13.20 -8.01 13.56
CA CYS B 109 -14.26 -7.29 12.88
C CYS B 109 -14.28 -7.65 11.39
N LYS B 110 -15.43 -7.43 10.77
CA LYS B 110 -15.61 -7.62 9.33
C LYS B 110 -15.42 -6.31 8.60
N ILE B 111 -14.94 -6.39 7.37
CA ILE B 111 -14.75 -5.23 6.52
C ILE B 111 -15.52 -5.42 5.22
N ARG B 112 -15.74 -4.30 4.53
CA ARG B 112 -16.34 -4.26 3.21
C ARG B 112 -15.87 -2.99 2.52
N ALA B 113 -16.06 -2.93 1.20
CA ALA B 113 -15.51 -1.85 0.41
C ALA B 113 -16.48 -1.39 -0.68
N ARG B 114 -16.27 -0.16 -1.12
CA ARG B 114 -16.96 0.42 -2.28
C ARG B 114 -15.99 1.37 -2.96
N ALA B 115 -16.37 1.84 -4.15
CA ALA B 115 -15.45 2.63 -4.95
C ALA B 115 -16.19 3.55 -5.91
N ARG B 116 -15.45 4.52 -6.44
CA ARG B 116 -15.93 5.46 -7.44
C ARG B 116 -14.75 5.86 -8.30
N ILE B 117 -15.04 6.31 -9.52
CA ILE B 117 -14.01 6.88 -10.39
C ILE B 117 -13.85 8.35 -10.03
N LYS B 118 -12.63 8.73 -9.67
CA LYS B 118 -12.32 10.06 -9.17
C LYS B 118 -11.82 10.98 -10.28
N ALA B 119 -11.21 10.43 -11.33
CA ALA B 119 -10.68 11.24 -12.41
C ALA B 119 -10.31 10.33 -13.57
N VAL B 120 -10.32 10.90 -14.78
CA VAL B 120 -9.96 10.18 -16.00
C VAL B 120 -9.15 11.13 -16.87
N GLU B 121 -7.93 10.72 -17.22
CA GLU B 121 -7.05 11.51 -18.06
C GLU B 121 -6.54 10.68 -19.22
N GLN B 122 -6.38 11.32 -20.39
CA GLN B 122 -5.69 10.70 -21.49
C GLN B 122 -4.18 10.80 -21.27
N VAL B 123 -3.47 9.71 -21.56
CA VAL B 123 -2.02 9.66 -21.44
C VAL B 123 -1.46 9.09 -22.74
N ARG B 124 -0.15 9.25 -22.91
CA ARG B 124 0.51 8.72 -24.10
C ARG B 124 0.27 7.21 -24.22
N SER B 125 0.42 6.50 -23.11
CA SER B 125 0.29 5.04 -23.15
C SER B 125 -1.15 4.61 -23.38
N GLY B 126 -2.12 5.36 -22.86
CA GLY B 126 -3.51 5.03 -23.03
C GLY B 126 -4.43 5.97 -22.29
N VAL B 127 -5.18 5.43 -21.32
CA VAL B 127 -6.08 6.22 -20.49
C VAL B 127 -5.81 5.89 -19.04
N GLN B 128 -5.57 6.92 -18.23
CA GLN B 128 -5.35 6.78 -16.80
C GLN B 128 -6.64 7.13 -16.07
N ALA B 129 -7.12 6.21 -15.23
CA ALA B 129 -8.26 6.45 -14.38
C ALA B 129 -7.82 6.32 -12.92
N THR B 130 -8.28 7.23 -12.08
CA THR B 130 -8.05 7.17 -10.65
C THR B 130 -9.34 6.74 -9.98
N MET B 131 -9.32 5.57 -9.35
CA MET B 131 -10.48 5.01 -8.66
C MET B 131 -10.25 5.13 -7.16
N GLU B 132 -11.13 5.87 -6.48
CA GLU B 132 -11.06 5.95 -5.03
C GLU B 132 -11.69 4.71 -4.42
N LEU B 133 -10.89 3.95 -3.68
CA LEU B 133 -11.36 2.74 -2.98
C LEU B 133 -11.47 3.06 -1.49
N ASN B 134 -12.63 2.77 -0.91
CA ASN B 134 -12.89 2.97 0.51
C ASN B 134 -13.20 1.64 1.15
N ILE B 135 -12.40 1.24 2.14
CA ILE B 135 -12.60 0.01 2.92
C ILE B 135 -13.03 0.40 4.32
N HIS B 136 -14.17 -0.16 4.76
CA HIS B 136 -14.78 0.18 6.03
C HIS B 136 -14.96 -1.05 6.90
N VAL B 137 -14.90 -0.85 8.23
CA VAL B 137 -15.56 -1.79 9.13
C VAL B 137 -17.04 -1.79 8.78
N VAL B 138 -17.63 -2.97 8.68
CA VAL B 138 -19.06 -3.04 8.36
C VAL B 138 -19.84 -2.32 9.44
N GLY B 139 -20.58 -1.27 9.04
CA GLY B 139 -21.38 -0.48 9.95
C GLY B 139 -20.76 0.84 10.33
N GLN B 140 -19.49 1.07 10.03
CA GLN B 140 -18.80 2.31 10.34
C GLN B 140 -18.80 3.21 9.11
N ASP B 141 -19.29 4.44 9.29
CA ASP B 141 -19.35 5.39 8.18
C ASP B 141 -17.98 5.99 7.84
N ARG B 142 -17.05 6.03 8.79
CA ARG B 142 -15.71 6.51 8.49
C ARG B 142 -14.90 5.40 7.85
N PRO B 143 -14.20 5.65 6.74
CA PRO B 143 -13.37 4.60 6.14
C PRO B 143 -12.21 4.22 7.04
N ALA B 144 -11.83 2.94 6.97
CA ALA B 144 -10.60 2.48 7.60
C ALA B 144 -9.39 2.59 6.67
N VAL B 145 -9.60 2.48 5.35
CA VAL B 145 -8.54 2.67 4.37
C VAL B 145 -9.09 3.47 3.21
N ILE B 146 -8.38 4.51 2.80
CA ILE B 146 -8.63 5.24 1.56
C ILE B 146 -7.46 4.97 0.62
N ASN B 147 -7.75 4.53 -0.60
CA ASN B 147 -6.72 4.19 -1.57
C ASN B 147 -7.16 4.70 -2.94
N ASP B 148 -6.50 5.74 -3.44
CA ASP B 148 -6.79 6.30 -4.76
C ASP B 148 -5.97 5.51 -5.78
N LEU B 149 -6.58 4.42 -6.27
CA LEU B 149 -5.90 3.55 -7.22
C LEU B 149 -5.72 4.22 -8.58
N VAL B 150 -4.55 4.05 -9.18
CA VAL B 150 -4.25 4.58 -10.50
C VAL B 150 -4.22 3.41 -11.47
N ILE B 151 -5.09 3.45 -12.47
CA ILE B 151 -5.27 2.36 -13.42
C ILE B 151 -4.91 2.86 -14.81
N LEU B 152 -4.15 2.05 -15.54
CA LEU B 152 -3.61 2.44 -16.85
C LEU B 152 -4.13 1.46 -17.89
N TYR B 153 -5.09 1.90 -18.70
CA TYR B 153 -5.62 1.09 -19.79
C TYR B 153 -4.75 1.31 -21.02
N MET B 154 -4.03 0.26 -21.42
CA MET B 154 -3.15 0.33 -22.59
C MET B 154 -3.67 -0.54 -23.73
C1 PGE C . 0.14 -5.58 -6.70
O1 PGE C . -1.00 -5.42 -5.86
C2 PGE C . -0.26 -5.55 -8.16
O2 PGE C . 0.81 -6.07 -8.94
C3 PGE C . 1.60 -5.07 -9.55
C4 PGE C . 2.80 -5.74 -10.21
O4 PGE C . 5.45 -4.03 -13.37
C6 PGE C . 5.63 -4.11 -11.95
C5 PGE C . 4.81 -5.25 -11.39
O3 PGE C . 3.74 -4.75 -10.59
H1 PGE C . 0.88 -4.78 -6.55
H12 PGE C . 0.64 -6.54 -6.51
HO1 PGE C . -0.80 -5.84 -5.02
H2 PGE C . -1.17 -6.16 -8.30
H22 PGE C . -0.50 -4.51 -8.46
H3 PGE C . 1.03 -4.51 -10.31
H32 PGE C . 1.97 -4.34 -8.80
H4 PGE C . 3.25 -6.45 -9.51
H42 PGE C . 2.45 -6.30 -11.09
HO4 PGE C . 5.97 -4.73 -13.78
H6 PGE C . 5.31 -3.18 -11.46
H62 PGE C . 6.68 -4.29 -11.70
H5 PGE C . 5.46 -5.90 -10.79
H52 PGE C . 4.42 -5.85 -12.23
C1 PEG D . 11.57 0.40 6.48
O1 PEG D . 11.33 -0.56 7.50
C2 PEG D . 10.93 1.72 6.81
O2 PEG D . 11.49 2.24 8.00
C3 PEG D . 12.01 3.55 7.85
C4 PEG D . 12.40 4.10 9.19
O4 PEG D . 13.72 3.73 9.53
H11 PEG D . 12.52 0.53 6.39
H12 PEG D . 11.20 0.07 5.64
HO1 PEG D . 11.17 -1.34 7.21
H21 PEG D . 11.08 2.33 6.07
H22 PEG D . 9.97 1.59 6.93
H31 PEG D . 12.78 3.53 7.27
H32 PEG D . 11.33 4.12 7.45
H41 PEG D . 12.33 5.06 9.17
H42 PEG D . 11.79 3.76 9.85
HO4 PEG D . 14.26 4.40 9.58
C1 PEG E . 6.10 0.54 7.26
O1 PEG E . 5.55 0.45 8.56
C2 PEG E . 5.05 0.95 6.27
O2 PEG E . 5.31 0.35 5.00
C3 PEG E . 4.22 -0.43 4.52
C4 PEG E . 3.03 0.43 4.22
O4 PEG E . 3.19 1.16 3.01
H11 PEG E . 6.82 1.21 7.26
H12 PEG E . 6.46 -0.32 7.00
HO1 PEG E . 5.28 1.20 8.88
H21 PEG E . 4.18 0.66 6.59
H22 PEG E . 5.06 1.91 6.18
H31 PEG E . 4.49 -0.89 3.71
H32 PEG E . 3.98 -1.09 5.19
H41 PEG E . 2.24 -0.12 4.16
H42 PEG E . 2.91 1.07 4.95
HO4 PEG E . 2.58 1.74 2.87
CL CL F . 20.12 13.92 6.91
O1 PG4 G . -5.32 6.45 13.84
C1 PG4 G . -5.94 5.19 13.62
C2 PG4 G . -4.92 4.12 13.34
O2 PG4 G . -5.25 3.48 12.11
C3 PG4 G . -4.67 2.19 11.99
C4 PG4 G . -3.18 2.29 12.07
O3 PG4 G . -2.59 1.25 11.29
C5 PG4 G . -1.28 1.69 10.91
C6 PG4 G . -0.37 0.51 10.80
O4 PG4 G . 0.02 0.32 9.44
C7 PG4 G . 1.07 -0.64 9.45
C8 PG4 G . 1.21 -1.23 8.08
O5 PG4 G . 2.29 -2.17 8.07
HO1 PG4 G . -4.80 6.58 13.18
H11 PG4 G . -6.44 4.94 14.42
H12 PG4 G . -6.55 5.26 12.86
H21 PG4 G . -4.04 4.53 13.27
H22 PG4 G . -4.93 3.48 14.06
H31 PG4 G . -5.00 1.62 12.70
H32 PG4 G . -4.92 1.81 11.12
H41 PG4 G . -2.89 3.15 11.72
H42 PG4 G . -2.90 2.20 12.99
H51 PG4 G . -1.33 2.14 10.06
H52 PG4 G . -0.94 2.30 11.59
H61 PG4 G . 0.42 0.66 11.34
H62 PG4 G . -0.83 -0.28 11.12
H71 PG4 G . 1.90 -0.22 9.70
H72 PG4 G . 0.85 -1.34 10.09
H81 PG4 G . 0.40 -1.69 7.84
H82 PG4 G . 1.39 -0.53 7.43
HO5 PG4 G . 2.49 -2.31 8.88
C1 PEG H . -14.77 14.43 -7.60
O1 PEG H . -14.97 13.63 -8.75
C2 PEG H . -16.04 14.59 -6.81
O2 PEG H . -15.74 14.63 -5.42
C3 PEG H . -16.62 13.83 -4.65
C4 PEG H . -16.09 13.66 -3.25
O4 PEG H . -16.79 12.64 -2.56
H11 PEG H . -14.45 15.31 -7.88
H12 PEG H . -14.10 14.02 -7.04
HO1 PEG H . -14.66 12.85 -8.69
H21 PEG H . -16.48 15.42 -7.07
H22 PEG H . -16.63 13.85 -6.99
H31 PEG H . -16.70 12.95 -5.07
H32 PEG H . -17.49 14.25 -4.62
H41 PEG H . -15.15 13.44 -3.29
H42 PEG H . -16.21 14.50 -2.77
HO4 PEG H . -16.74 11.88 -2.93
C1 PEG I . -11.70 -3.77 -4.98
O1 PEG I . -11.17 -5.07 -5.18
C2 PEG I . -11.10 -2.78 -5.92
O2 PEG I . -11.36 -3.16 -7.26
C3 PEG I . -12.61 -2.71 -7.74
C4 PEG I . -12.80 -3.15 -9.17
O4 PEG I . -13.83 -4.11 -9.29
H11 PEG I . -12.66 -3.80 -5.12
H12 PEG I . -11.51 -3.49 -4.06
HO1 PEG I . -11.43 -5.64 -4.62
H21 PEG I . -11.48 -1.90 -5.75
H22 PEG I . -10.14 -2.73 -5.77
H31 PEG I . -13.33 -3.08 -7.20
H32 PEG I . -12.64 -1.74 -7.69
H41 PEG I . -13.01 -2.37 -9.70
H42 PEG I . -11.96 -3.53 -9.48
HO4 PEG I . -14.54 -3.90 -8.88
C1 PEG J . -11.12 -1.64 -12.65
O1 PEG J . -10.85 -2.54 -11.59
C2 PEG J . -12.44 -0.96 -12.46
O2 PEG J . -13.13 -0.91 -13.71
C3 PEG J . -13.89 -2.08 -13.97
C4 PEG J . -13.81 -2.41 -15.42
O4 PEG J . -12.46 -2.66 -15.83
H11 PEG J . -10.42 -0.97 -12.68
H12 PEG J . -11.13 -2.13 -13.49
HO1 PEG J . -11.50 -3.06 -11.41
H21 PEG J . -12.98 -1.46 -11.82
H22 PEG J . -12.30 -0.07 -12.13
H31 PEG J . -13.54 -2.82 -13.45
H32 PEG J . -14.82 -1.93 -13.73
H41 PEG J . -14.34 -3.21 -15.60
H42 PEG J . -14.16 -1.67 -15.94
HO4 PEG J . -12.38 -2.86 -16.65
CL CL K . -3.40 14.73 4.89
#